data_2RI7
#
_entry.id   2RI7
#
_cell.length_a   38.249
_cell.length_b   64.381
_cell.length_c   85.558
_cell.angle_alpha   90.00
_cell.angle_beta   90.00
_cell.angle_gamma   90.00
#
_symmetry.space_group_name_H-M   'P 21 21 21'
#
loop_
_entity.id
_entity.type
_entity.pdbx_description
1 polymer 'Nucleosome-remodeling factor subunit BPTF'
2 polymer 'histone H3.1'
3 non-polymer 'ZINC ION'
4 non-polymer GLYCEROL
5 non-polymer 'ISOPROPYL ALCOHOL'
6 water water
#
loop_
_entity_poly.entity_id
_entity_poly.type
_entity_poly.pdbx_seq_one_letter_code
_entity_poly.pdbx_strand_id
1 'polypeptide(L)'
;GPLGSDTKLYCICKTPEDESKFYIGCDRCQNWYHGRCVGILQSEAELIDEYVCPQCQSTEDAMTVLTPLTEKDYEGLKRV
LRSLQAHKMAWPFLEPVDPNDAPDYYGVIKEPMDLATMEERVQRRYYEKLTEFVADMTKIFDNCRYYNPSDSPFYQCAEV
LESFFVQKLKGFKA
;
A
2 'polypeptide(L)' ART(MLY)QTARK P
#
loop_
_chem_comp.id
_chem_comp.type
_chem_comp.name
_chem_comp.formula
GOL non-polymer GLYCEROL 'C3 H8 O3'
IPA non-polymer 'ISOPROPYL ALCOHOL' 'C3 H8 O'
ZN non-polymer 'ZINC ION' 'Zn 2'
#
# COMPACT_ATOMS: atom_id res chain seq x y z
N THR A 7 -20.34 -35.50 -4.27
CA THR A 7 -20.43 -34.32 -5.17
C THR A 7 -20.39 -33.03 -4.41
N LYS A 8 -19.46 -32.15 -4.76
CA LYS A 8 -19.44 -30.87 -4.09
C LYS A 8 -19.86 -29.78 -5.07
N LEU A 9 -20.06 -28.59 -4.53
CA LEU A 9 -20.43 -27.44 -5.35
C LEU A 9 -19.18 -26.58 -5.36
N TYR A 10 -18.89 -25.97 -6.51
CA TYR A 10 -17.70 -25.15 -6.66
C TYR A 10 -17.99 -23.77 -7.24
N CYS A 11 -16.95 -22.94 -7.24
CA CYS A 11 -17.01 -21.62 -7.85
C CYS A 11 -17.96 -20.61 -7.21
N ILE A 12 -17.89 -19.38 -7.69
CA ILE A 12 -18.77 -18.33 -7.17
C ILE A 12 -20.20 -18.63 -7.59
N CYS A 13 -20.36 -19.42 -8.64
CA CYS A 13 -21.69 -19.76 -9.14
C CYS A 13 -22.35 -20.97 -8.45
N LYS A 14 -21.63 -21.60 -7.53
CA LYS A 14 -22.15 -22.74 -6.78
C LYS A 14 -22.73 -23.87 -7.63
N THR A 15 -21.90 -24.46 -8.46
CA THR A 15 -22.36 -25.54 -9.32
C THR A 15 -21.45 -26.76 -9.22
N PRO A 16 -22.00 -27.96 -9.53
CA PRO A 16 -21.20 -29.17 -9.46
C PRO A 16 -20.23 -29.23 -10.64
N GLU A 17 -19.19 -30.04 -10.50
CA GLU A 17 -18.19 -30.15 -11.55
C GLU A 17 -18.73 -30.63 -12.89
N ASP A 18 -18.34 -29.91 -13.94
CA ASP A 18 -18.72 -30.24 -15.30
C ASP A 18 -17.37 -30.43 -15.98
N GLU A 19 -17.07 -31.67 -16.36
CA GLU A 19 -15.77 -31.97 -16.98
C GLU A 19 -15.51 -31.33 -18.32
N SER A 20 -16.53 -30.71 -18.91
CA SER A 20 -16.35 -30.06 -20.19
C SER A 20 -15.87 -28.62 -20.01
N LYS A 21 -15.83 -28.16 -18.75
CA LYS A 21 -15.41 -26.79 -18.47
C LYS A 21 -14.03 -26.68 -17.81
N PHE A 22 -13.37 -25.57 -18.08
CA PHE A 22 -12.04 -25.29 -17.53
C PHE A 22 -12.12 -24.70 -16.12
N TYR A 23 -11.38 -25.29 -15.19
CA TYR A 23 -11.35 -24.83 -13.80
C TYR A 23 -9.94 -24.48 -13.38
N ILE A 24 -9.83 -23.58 -12.41
CA ILE A 24 -8.53 -23.20 -11.87
C ILE A 24 -8.72 -23.20 -10.35
N GLY A 25 -7.72 -23.75 -9.65
CA GLY A 25 -7.81 -23.84 -8.20
C GLY A 25 -7.10 -22.73 -7.46
N CYS A 26 -7.75 -22.22 -6.41
CA CYS A 26 -7.16 -21.16 -5.61
C CYS A 26 -6.29 -21.79 -4.54
N ASP A 27 -5.03 -21.38 -4.51
CA ASP A 27 -4.11 -21.94 -3.55
C ASP A 27 -4.35 -21.47 -2.12
N ARG A 28 -5.04 -20.34 -1.97
CA ARG A 28 -5.33 -19.81 -0.63
C ARG A 28 -6.54 -20.47 0.03
N CYS A 29 -7.69 -20.43 -0.62
CA CYS A 29 -8.90 -21.02 -0.05
C CYS A 29 -9.17 -22.46 -0.46
N GLN A 30 -8.45 -22.93 -1.47
CA GLN A 30 -8.58 -24.30 -1.97
C GLN A 30 -9.90 -24.64 -2.67
N ASN A 31 -10.64 -23.61 -3.08
CA ASN A 31 -11.89 -23.83 -3.81
C ASN A 31 -11.47 -23.90 -5.29
N TRP A 32 -12.41 -24.26 -6.14
CA TRP A 32 -12.16 -24.34 -7.58
C TRP A 32 -13.10 -23.37 -8.27
N TYR A 33 -12.62 -22.77 -9.35
CA TYR A 33 -13.41 -21.78 -10.08
C TYR A 33 -13.41 -22.00 -11.58
N HIS A 34 -14.53 -21.74 -12.23
CA HIS A 34 -14.60 -21.83 -13.67
C HIS A 34 -13.71 -20.68 -14.13
N GLY A 35 -12.82 -20.93 -15.09
CA GLY A 35 -11.99 -19.85 -15.57
C GLY A 35 -12.87 -18.71 -16.07
N ARG A 36 -13.97 -19.07 -16.74
CA ARG A 36 -14.89 -18.08 -17.29
C ARG A 36 -15.54 -17.20 -16.20
N CYS A 37 -15.71 -17.74 -14.99
CA CYS A 37 -16.32 -16.97 -13.91
C CYS A 37 -15.38 -16.02 -13.19
N VAL A 38 -14.07 -16.29 -13.27
CA VAL A 38 -13.09 -15.43 -12.61
C VAL A 38 -12.19 -14.66 -13.57
N GLY A 39 -12.51 -14.74 -14.86
CA GLY A 39 -11.74 -13.99 -15.85
C GLY A 39 -10.36 -14.47 -16.24
N ILE A 40 -10.15 -15.78 -16.33
CA ILE A 40 -8.85 -16.29 -16.73
C ILE A 40 -9.01 -17.49 -17.65
N LEU A 41 -8.36 -17.43 -18.80
CA LEU A 41 -8.39 -18.50 -19.78
C LEU A 41 -7.25 -19.48 -19.55
N GLN A 42 -7.38 -20.66 -20.13
CA GLN A 42 -6.35 -21.68 -19.98
C GLN A 42 -4.98 -21.16 -20.45
N SER A 43 -4.95 -20.45 -21.57
CA SER A 43 -3.69 -19.95 -22.09
C SER A 43 -3.04 -18.97 -21.11
N GLU A 44 -3.85 -18.25 -20.35
CA GLU A 44 -3.33 -17.30 -19.38
C GLU A 44 -2.91 -18.03 -18.10
N ALA A 45 -3.66 -19.06 -17.74
CA ALA A 45 -3.34 -19.84 -16.54
C ALA A 45 -1.99 -20.54 -16.64
N GLU A 46 -1.56 -20.85 -17.86
CA GLU A 46 -0.28 -21.52 -18.08
C GLU A 46 0.90 -20.68 -17.64
N LEU A 47 0.72 -19.36 -17.63
CA LEU A 47 1.80 -18.45 -17.28
C LEU A 47 1.98 -18.11 -15.81
N ILE A 48 1.11 -18.62 -14.96
CA ILE A 48 1.24 -18.33 -13.54
C ILE A 48 1.48 -19.57 -12.71
N ASP A 49 2.29 -19.41 -11.68
CA ASP A 49 2.61 -20.50 -10.79
C ASP A 49 1.47 -20.74 -9.80
N GLU A 50 1.24 -19.79 -8.90
CA GLU A 50 0.15 -19.93 -7.95
C GLU A 50 -1.03 -19.14 -8.47
N TYR A 51 -2.24 -19.54 -8.07
CA TYR A 51 -3.43 -18.80 -8.46
C TYR A 51 -4.16 -18.41 -7.19
N VAL A 52 -4.58 -17.15 -7.14
CA VAL A 52 -5.31 -16.61 -6.01
C VAL A 52 -6.61 -16.06 -6.59
N CYS A 53 -7.75 -16.60 -6.15
CA CYS A 53 -9.04 -16.18 -6.67
C CYS A 53 -9.34 -14.71 -6.36
N PRO A 54 -10.32 -14.12 -7.06
CA PRO A 54 -10.64 -12.71 -6.82
C PRO A 54 -10.93 -12.30 -5.38
N GLN A 55 -11.73 -13.10 -4.68
CA GLN A 55 -12.05 -12.76 -3.30
C GLN A 55 -10.81 -12.86 -2.42
N CYS A 56 -10.04 -13.94 -2.58
CA CYS A 56 -8.83 -14.09 -1.79
C CYS A 56 -7.84 -12.98 -2.11
N GLN A 57 -7.76 -12.59 -3.38
CA GLN A 57 -6.84 -11.52 -3.76
C GLN A 57 -7.26 -10.19 -3.14
N SER A 58 -8.56 -9.95 -3.07
N SER A 58 -8.56 -9.95 -3.06
CA SER A 58 -9.05 -8.70 -2.48
CA SER A 58 -9.05 -8.70 -2.48
C SER A 58 -8.67 -8.67 -1.00
C SER A 58 -8.67 -8.67 -1.00
N THR A 59 -8.73 -9.83 -0.35
CA THR A 59 -8.38 -9.91 1.06
C THR A 59 -6.88 -9.69 1.23
N GLU A 60 -6.07 -10.28 0.35
CA GLU A 60 -4.63 -10.10 0.42
C GLU A 60 -4.27 -8.63 0.18
N ASP A 61 -4.93 -8.00 -0.78
CA ASP A 61 -4.64 -6.60 -1.06
C ASP A 61 -4.99 -5.71 0.12
N ALA A 62 -6.13 -5.99 0.75
CA ALA A 62 -6.59 -5.20 1.88
C ALA A 62 -5.76 -5.41 3.14
N MET A 63 -5.26 -6.62 3.34
CA MET A 63 -4.48 -6.91 4.54
C MET A 63 -3.02 -6.47 4.49
N THR A 64 -2.55 -6.04 3.32
CA THR A 64 -1.16 -5.60 3.19
C THR A 64 -0.78 -4.56 4.24
N VAL A 65 -1.69 -3.63 4.52
CA VAL A 65 -1.39 -2.58 5.48
C VAL A 65 -1.60 -2.99 6.94
N LEU A 66 -2.13 -4.19 7.17
CA LEU A 66 -2.40 -4.65 8.53
C LEU A 66 -1.46 -5.73 9.06
N THR A 67 -0.79 -6.44 8.18
CA THR A 67 0.12 -7.51 8.60
C THR A 67 1.37 -6.93 9.28
N PRO A 68 2.07 -7.74 10.09
CA PRO A 68 3.27 -7.26 10.78
C PRO A 68 4.33 -6.80 9.79
N LEU A 69 5.06 -5.75 10.17
CA LEU A 69 6.13 -5.27 9.32
C LEU A 69 7.31 -6.22 9.54
N THR A 70 7.80 -6.80 8.47
CA THR A 70 8.92 -7.73 8.55
C THR A 70 10.23 -6.95 8.51
N GLU A 71 11.32 -7.69 8.63
CA GLU A 71 12.67 -7.14 8.58
C GLU A 71 12.83 -6.39 7.29
N LYS A 72 12.50 -7.07 6.21
CA LYS A 72 12.62 -6.50 4.89
C LYS A 72 11.68 -5.32 4.70
N ASP A 73 10.52 -5.36 5.33
CA ASP A 73 9.59 -4.24 5.23
C ASP A 73 10.27 -3.00 5.79
N TYR A 74 10.89 -3.14 6.96
CA TYR A 74 11.56 -2.01 7.58
C TYR A 74 12.66 -1.42 6.71
N GLU A 75 13.42 -2.29 6.05
CA GLU A 75 14.48 -1.82 5.17
C GLU A 75 13.84 -1.08 4.01
N GLY A 76 12.72 -1.60 3.52
CA GLY A 76 12.02 -0.97 2.43
C GLY A 76 11.46 0.39 2.81
N LEU A 77 10.99 0.51 4.06
CA LEU A 77 10.44 1.79 4.53
C LEU A 77 11.55 2.83 4.56
N LYS A 78 12.76 2.39 4.90
CA LYS A 78 13.90 3.31 4.95
C LYS A 78 14.21 3.80 3.53
N ARG A 79 14.14 2.90 2.56
CA ARG A 79 14.41 3.30 1.19
C ARG A 79 13.33 4.24 0.67
N VAL A 80 12.08 4.01 1.08
CA VAL A 80 10.99 4.89 0.67
C VAL A 80 11.24 6.28 1.24
N LEU A 81 11.60 6.36 2.51
CA LEU A 81 11.87 7.66 3.12
C LEU A 81 13.03 8.36 2.41
N ARG A 82 14.07 7.61 2.08
CA ARG A 82 15.21 8.21 1.38
C ARG A 82 14.79 8.80 0.04
N SER A 83 13.92 8.09 -0.68
N SER A 83 13.91 8.08 -0.66
CA SER A 83 13.47 8.58 -1.98
CA SER A 83 13.43 8.55 -1.95
C SER A 83 12.69 9.88 -1.81
C SER A 83 12.66 9.87 -1.78
N LEU A 84 11.82 9.95 -0.80
N LEU A 84 11.82 9.94 -0.76
CA LEU A 84 11.05 11.17 -0.58
CA LEU A 84 11.06 11.17 -0.52
C LEU A 84 11.98 12.31 -0.12
C LEU A 84 11.97 12.30 -0.11
N GLN A 85 12.96 12.00 0.74
CA GLN A 85 13.88 13.01 1.23
C GLN A 85 14.71 13.67 0.11
N ALA A 86 14.91 12.94 -0.98
CA ALA A 86 15.70 13.46 -2.11
C ALA A 86 14.84 14.18 -3.15
N HIS A 87 13.52 14.15 -2.96
CA HIS A 87 12.57 14.76 -3.88
C HIS A 87 12.59 16.28 -3.83
N LYS A 88 12.51 16.91 -4.99
CA LYS A 88 12.54 18.36 -5.07
C LYS A 88 11.42 19.06 -4.30
N MET A 89 10.25 18.44 -4.24
CA MET A 89 9.13 19.05 -3.51
C MET A 89 9.04 18.66 -2.04
N ALA A 90 10.05 17.96 -1.54
CA ALA A 90 10.03 17.54 -0.14
C ALA A 90 10.64 18.55 0.82
N TRP A 91 11.17 19.64 0.30
CA TRP A 91 11.82 20.63 1.16
C TRP A 91 11.03 21.14 2.39
N PRO A 92 9.70 21.26 2.29
CA PRO A 92 8.98 21.74 3.48
C PRO A 92 8.78 20.67 4.55
N PHE A 93 9.04 19.42 4.18
CA PHE A 93 8.79 18.29 5.07
C PHE A 93 9.99 17.51 5.59
N LEU A 94 11.19 17.95 5.26
CA LEU A 94 12.41 17.25 5.69
C LEU A 94 12.63 17.23 7.19
N GLU A 95 12.31 18.35 7.84
CA GLU A 95 12.51 18.46 9.28
C GLU A 95 11.34 19.14 9.94
N PRO A 96 11.26 19.04 11.28
CA PRO A 96 10.16 19.68 12.00
C PRO A 96 10.25 21.19 11.83
N VAL A 97 9.10 21.85 11.87
CA VAL A 97 9.06 23.29 11.75
C VAL A 97 9.81 23.87 12.94
N ASP A 98 10.61 24.91 12.69
CA ASP A 98 11.39 25.52 13.75
C ASP A 98 10.53 26.38 14.64
N PRO A 99 10.31 25.95 15.90
CA PRO A 99 9.48 26.65 16.87
C PRO A 99 9.81 28.14 16.84
N ASN A 100 11.07 28.44 16.53
CA ASN A 100 11.55 29.81 16.48
C ASN A 100 11.33 30.59 15.19
N ASP A 101 11.03 29.88 14.11
CA ASP A 101 10.79 30.53 12.85
C ASP A 101 9.28 30.71 12.80
N ALA A 102 8.59 29.83 13.52
CA ALA A 102 7.14 29.89 13.48
C ALA A 102 6.27 29.63 14.68
N PRO A 103 6.19 30.61 15.61
CA PRO A 103 5.32 30.40 16.74
C PRO A 103 3.91 29.87 16.41
N ASP A 104 2.92 30.66 15.92
CA ASP A 104 1.64 29.94 15.79
C ASP A 104 1.53 28.61 15.02
N TYR A 105 2.59 28.12 14.36
CA TYR A 105 2.45 26.81 13.70
C TYR A 105 2.10 25.79 14.79
N TYR A 106 2.84 25.80 15.89
CA TYR A 106 2.61 24.86 16.98
C TYR A 106 1.44 25.25 17.88
N GLY A 107 0.93 26.45 17.67
CA GLY A 107 -0.22 26.88 18.44
C GLY A 107 -1.42 26.13 17.87
N VAL A 108 -1.37 25.81 16.58
CA VAL A 108 -2.50 25.09 15.97
C VAL A 108 -2.23 23.67 15.49
N ILE A 109 -0.97 23.23 15.48
CA ILE A 109 -0.66 21.87 15.07
C ILE A 109 -0.03 21.19 16.29
N LYS A 110 -0.78 20.27 16.91
CA LYS A 110 -0.32 19.56 18.11
C LYS A 110 0.23 18.18 17.77
N GLU A 111 -0.02 17.74 16.54
CA GLU A 111 0.47 16.45 16.07
C GLU A 111 1.26 16.68 14.79
N PRO A 112 2.33 17.46 14.89
CA PRO A 112 3.15 17.73 13.70
C PRO A 112 3.85 16.44 13.29
N MET A 113 4.28 16.40 12.04
CA MET A 113 5.01 15.25 11.55
C MET A 113 5.90 15.71 10.40
N ASP A 114 7.04 15.05 10.25
CA ASP A 114 8.00 15.38 9.21
C ASP A 114 8.77 14.11 8.88
N LEU A 115 9.53 14.14 7.78
CA LEU A 115 10.28 12.97 7.35
C LEU A 115 11.43 12.54 8.25
N ALA A 116 12.07 13.49 8.94
CA ALA A 116 13.16 13.14 9.85
C ALA A 116 12.61 12.37 11.04
N THR A 117 11.48 12.85 11.57
CA THR A 117 10.84 12.20 12.71
C THR A 117 10.36 10.81 12.27
N MET A 118 9.87 10.69 11.05
CA MET A 118 9.42 9.38 10.57
C MET A 118 10.61 8.44 10.44
N GLU A 119 11.77 8.96 10.03
CA GLU A 119 12.96 8.13 9.89
C GLU A 119 13.34 7.57 11.26
N GLU A 120 13.26 8.42 12.29
CA GLU A 120 13.58 8.00 13.64
C GLU A 120 12.60 6.91 14.07
N ARG A 121 11.33 7.09 13.73
CA ARG A 121 10.33 6.10 14.09
C ARG A 121 10.54 4.76 13.39
N VAL A 122 11.02 4.79 12.15
CA VAL A 122 11.28 3.53 11.45
C VAL A 122 12.48 2.85 12.11
N GLN A 123 13.49 3.63 12.44
CA GLN A 123 14.69 3.09 13.07
C GLN A 123 14.42 2.32 14.35
N ARG A 124 13.63 2.91 15.25
CA ARG A 124 13.33 2.25 16.52
C ARG A 124 12.14 1.32 16.45
N ARG A 125 11.64 1.10 15.25
CA ARG A 125 10.49 0.22 15.01
C ARG A 125 9.24 0.63 15.75
N TYR A 126 8.97 1.93 15.71
CA TYR A 126 7.79 2.51 16.31
C TYR A 126 6.59 1.95 15.56
N TYR A 127 6.74 1.79 14.24
CA TYR A 127 5.67 1.25 13.39
C TYR A 127 5.70 -0.26 13.43
N GLU A 128 4.52 -0.86 13.49
CA GLU A 128 4.44 -2.32 13.50
C GLU A 128 3.55 -2.84 12.37
N LYS A 129 2.86 -1.91 11.72
CA LYS A 129 1.98 -2.24 10.59
C LYS A 129 2.16 -1.13 9.56
N LEU A 130 2.10 -1.46 8.28
CA LEU A 130 2.27 -0.45 7.24
C LEU A 130 1.27 0.70 7.38
N THR A 131 0.06 0.39 7.82
CA THR A 131 -0.96 1.43 7.97
C THR A 131 -0.51 2.57 8.91
N GLU A 132 0.29 2.23 9.92
CA GLU A 132 0.77 3.24 10.87
C GLU A 132 1.77 4.18 10.20
N PHE A 133 2.61 3.62 9.33
CA PHE A 133 3.60 4.40 8.60
C PHE A 133 2.86 5.32 7.63
N VAL A 134 1.89 4.76 6.92
CA VAL A 134 1.12 5.55 5.96
C VAL A 134 0.34 6.65 6.67
N ALA A 135 -0.13 6.38 7.89
CA ALA A 135 -0.88 7.38 8.63
C ALA A 135 0.00 8.58 8.97
N ASP A 136 1.25 8.32 9.38
CA ASP A 136 2.16 9.41 9.70
C ASP A 136 2.50 10.22 8.45
N MET A 137 2.68 9.53 7.32
CA MET A 137 3.00 10.22 6.07
C MET A 137 1.82 11.11 5.68
N THR A 138 0.62 10.55 5.78
CA THR A 138 -0.59 11.29 5.43
C THR A 138 -0.75 12.50 6.36
N LYS A 139 -0.32 12.36 7.61
CA LYS A 139 -0.40 13.45 8.57
C LYS A 139 0.48 14.62 8.14
N ILE A 140 1.64 14.32 7.55
CA ILE A 140 2.53 15.36 7.07
C ILE A 140 1.79 16.22 6.05
N PHE A 141 1.14 15.54 5.10
CA PHE A 141 0.42 16.24 4.05
C PHE A 141 -0.87 16.90 4.50
N ASP A 142 -1.62 16.22 5.36
CA ASP A 142 -2.87 16.80 5.85
C ASP A 142 -2.60 18.03 6.72
N ASN A 143 -1.56 17.99 7.54
CA ASN A 143 -1.22 19.14 8.37
C ASN A 143 -0.90 20.32 7.47
N CYS A 144 -0.12 20.06 6.43
CA CYS A 144 0.28 21.11 5.49
C CYS A 144 -0.92 21.74 4.79
N ARG A 145 -1.83 20.90 4.29
CA ARG A 145 -3.00 21.40 3.59
C ARG A 145 -4.00 22.10 4.51
N TYR A 146 -3.92 21.82 5.80
CA TYR A 146 -4.81 22.42 6.79
C TYR A 146 -4.30 23.80 7.16
N TYR A 147 -2.98 23.94 7.16
CA TYR A 147 -2.29 25.17 7.55
C TYR A 147 -2.02 26.18 6.43
N ASN A 148 -2.04 25.73 5.18
CA ASN A 148 -1.74 26.61 4.04
C ASN A 148 -2.85 26.64 2.98
N PRO A 149 -2.97 27.75 2.23
CA PRO A 149 -3.98 27.89 1.17
C PRO A 149 -3.70 26.90 0.05
N SER A 150 -4.74 26.44 -0.63
CA SER A 150 -4.58 25.46 -1.70
C SER A 150 -3.72 25.92 -2.88
N ASP A 151 -3.63 27.23 -3.10
CA ASP A 151 -2.84 27.74 -4.21
C ASP A 151 -1.41 28.05 -3.81
N SER A 152 -1.09 27.85 -2.52
CA SER A 152 0.24 28.12 -2.02
C SER A 152 1.25 27.03 -2.38
N PRO A 153 2.53 27.39 -2.49
CA PRO A 153 3.60 26.44 -2.82
C PRO A 153 3.69 25.30 -1.82
N PHE A 154 3.48 25.60 -0.54
CA PHE A 154 3.54 24.58 0.50
C PHE A 154 2.47 23.51 0.28
N TYR A 155 1.24 23.96 0.08
CA TYR A 155 0.11 23.06 -0.15
C TYR A 155 0.36 22.20 -1.38
N GLN A 156 0.79 22.84 -2.47
CA GLN A 156 1.04 22.10 -3.69
C GLN A 156 2.21 21.13 -3.58
N CYS A 157 3.20 21.44 -2.75
CA CYS A 157 4.31 20.50 -2.57
C CYS A 157 3.77 19.24 -1.90
N ALA A 158 2.81 19.40 -1.00
CA ALA A 158 2.21 18.26 -0.32
C ALA A 158 1.47 17.43 -1.37
N GLU A 159 0.79 18.11 -2.28
CA GLU A 159 0.04 17.43 -3.35
C GLU A 159 1.00 16.63 -4.22
N VAL A 160 2.09 17.25 -4.63
CA VAL A 160 3.07 16.58 -5.47
C VAL A 160 3.74 15.41 -4.77
N LEU A 161 4.26 15.64 -3.57
CA LEU A 161 4.93 14.57 -2.85
C LEU A 161 4.00 13.42 -2.48
N GLU A 162 2.74 13.71 -2.16
CA GLU A 162 1.83 12.62 -1.83
C GLU A 162 1.58 11.78 -3.07
N SER A 163 1.46 12.41 -4.24
CA SER A 163 1.26 11.69 -5.48
C SER A 163 2.46 10.78 -5.74
N PHE A 164 3.66 11.31 -5.51
CA PHE A 164 4.90 10.56 -5.69
C PHE A 164 4.93 9.39 -4.70
N PHE A 165 4.53 9.66 -3.46
CA PHE A 165 4.50 8.65 -2.40
C PHE A 165 3.59 7.47 -2.74
N VAL A 166 2.39 7.78 -3.19
CA VAL A 166 1.43 6.73 -3.54
C VAL A 166 2.00 5.80 -4.60
N GLN A 167 2.69 6.35 -5.58
CA GLN A 167 3.27 5.53 -6.63
C GLN A 167 4.46 4.72 -6.10
N LYS A 168 5.25 5.34 -5.23
N LYS A 168 5.25 5.35 -5.23
CA LYS A 168 6.41 4.67 -4.66
CA LYS A 168 6.41 4.68 -4.65
C LYS A 168 6.02 3.47 -3.82
C LYS A 168 6.02 3.48 -3.82
N LEU A 169 4.88 3.56 -3.15
CA LEU A 169 4.40 2.47 -2.30
C LEU A 169 3.71 1.33 -3.02
N LYS A 170 3.49 1.47 -4.33
CA LYS A 170 2.84 0.42 -5.10
C LYS A 170 3.67 -0.87 -5.07
N GLY A 171 3.01 -1.98 -4.73
CA GLY A 171 3.68 -3.26 -4.66
C GLY A 171 4.70 -3.40 -3.54
N PHE A 172 4.59 -2.55 -2.52
CA PHE A 172 5.53 -2.57 -1.41
C PHE A 172 5.68 -3.89 -0.65
N LYS A 173 4.58 -4.46 -0.20
CA LYS A 173 4.63 -5.71 0.58
C LYS A 173 4.84 -6.97 -0.25
N ALA A 174 5.55 -7.93 0.35
CA ALA A 174 5.84 -9.21 -0.30
C ALA A 174 4.57 -10.01 -0.54
N ALA B 1 -0.04 -23.12 -12.14
CA ALA B 1 -1.34 -23.15 -11.41
C ALA B 1 -1.99 -24.52 -11.51
N ARG B 2 -2.86 -24.83 -10.57
CA ARG B 2 -3.58 -26.10 -10.57
C ARG B 2 -4.85 -25.88 -11.38
N THR B 3 -5.09 -26.75 -12.36
CA THR B 3 -6.26 -26.61 -13.22
C THR B 3 -6.90 -27.94 -13.57
N MLY B 4 -8.10 -27.84 -14.13
CA MLY B 4 -8.87 -28.98 -14.61
CB MLY B 4 -10.13 -29.22 -13.79
CG MLY B 4 -9.95 -29.62 -12.36
CD MLY B 4 -11.33 -29.73 -11.73
CE MLY B 4 -11.27 -30.04 -10.26
NZ MLY B 4 -12.62 -30.20 -9.70
CH1 MLY B 4 -12.47 -30.56 -8.28
CH2 MLY B 4 -13.51 -29.02 -9.83
C MLY B 4 -9.33 -28.54 -15.97
O MLY B 4 -9.97 -27.52 -16.12
N GLN B 5 -8.99 -29.33 -17.00
CA GLN B 5 -9.41 -28.99 -18.33
C GLN B 5 -10.04 -30.23 -18.92
N THR B 6 -10.50 -30.15 -20.16
CA THR B 6 -11.06 -31.32 -20.81
C THR B 6 -9.87 -32.13 -21.27
ZN ZN C . -18.56 -20.63 -12.06
ZN ZN D . -9.48 -18.20 -2.94
C1 GOL E . 0.46 18.24 -9.88
O1 GOL E . 1.75 18.77 -9.78
C2 GOL E . 0.35 16.93 -9.12
O2 GOL E . -0.22 15.87 -9.94
C3 GOL E . -0.42 17.25 -7.87
O3 GOL E . -1.70 16.66 -7.88
C1 IPA F . 3.73 24.09 6.70
C2 IPA F . 4.18 22.67 6.32
C3 IPA F . 5.61 22.45 6.80
O2 IPA F . 3.31 21.73 6.96
#